data_2YVE
#
_entry.id   2YVE
#
_cell.length_a   60.110
_cell.length_b   67.360
_cell.length_c   101.850
_cell.angle_alpha   90.00
_cell.angle_beta   90.00
_cell.angle_gamma   90.00
#
_symmetry.space_group_name_H-M   'P 21 21 21'
#
loop_
_entity.id
_entity.type
_entity.pdbx_description
1 polymer 'Transcriptional regulator'
2 non-polymer 'CHLORIDE ION'
3 non-polymer 3,7-BIS(DIMETHYLAMINO)PHENOTHIAZIN-5-IUM
4 non-polymer GLYCEROL
5 water water
#
_entity_poly.entity_id   1
_entity_poly.type   'polypeptide(L)'
_entity_poly.pdbx_seq_one_letter_code
;MRTSKKEMILRTAIDYIGEYSLETLSYDSLAEATGLSKSGLIYHFPSRHALLLGMHELLADDWDKELRDITRDPEDPLER
LRAVVVTLAENVSRPELLLLIDAPSHPDFLNAWRTVNHQWIPDTDDLENDAHKRAVYLVQLAADGLFVHDYIHDDVLSKS
KRQAMLETILELIPSQTELHHHHHH
;
_entity_poly.pdbx_strand_id   A,B
#
# COMPACT_ATOMS: atom_id res chain seq x y z
N MET A 1 -17.70 26.80 -3.51
CA MET A 1 -17.72 28.05 -2.71
C MET A 1 -17.50 27.77 -1.22
N ARG A 2 -17.19 26.51 -0.90
CA ARG A 2 -16.96 26.08 0.48
C ARG A 2 -15.49 26.09 0.87
N THR A 3 -14.60 26.21 -0.11
CA THR A 3 -13.17 26.22 0.15
C THR A 3 -12.53 27.28 -0.73
N SER A 4 -11.24 27.48 -0.55
CA SER A 4 -10.50 28.38 -1.40
C SER A 4 -10.33 27.74 -2.77
N LYS A 5 -10.06 28.56 -3.78
CA LYS A 5 -9.83 28.03 -5.11
C LYS A 5 -8.55 27.19 -5.08
N LYS A 6 -7.57 27.63 -4.30
CA LYS A 6 -6.31 26.88 -4.21
C LYS A 6 -6.62 25.43 -3.73
N GLU A 7 -7.46 25.29 -2.71
CA GLU A 7 -7.81 23.95 -2.22
C GLU A 7 -8.62 23.19 -3.26
N MET A 8 -9.54 23.84 -3.96
CA MET A 8 -10.29 23.18 -5.01
C MET A 8 -9.35 22.60 -6.06
N ILE A 9 -8.34 23.37 -6.45
CA ILE A 9 -7.39 22.90 -7.45
C ILE A 9 -6.67 21.64 -6.93
N LEU A 10 -6.24 21.69 -5.69
CA LEU A 10 -5.56 20.53 -5.09
C LEU A 10 -6.47 19.29 -5.04
N ARG A 11 -7.74 19.47 -4.65
CA ARG A 11 -8.67 18.35 -4.59
C ARG A 11 -8.89 17.80 -5.99
N THR A 12 -8.91 18.68 -6.99
CA THR A 12 -9.12 18.25 -8.37
C THR A 12 -7.90 17.45 -8.86
N ALA A 13 -6.71 17.90 -8.48
CA ALA A 13 -5.48 17.19 -8.84
C ALA A 13 -5.46 15.80 -8.21
N ILE A 14 -5.87 15.70 -6.94
CA ILE A 14 -5.91 14.41 -6.27
C ILE A 14 -6.92 13.51 -6.97
N ASP A 15 -8.09 14.03 -7.33
CA ASP A 15 -9.08 13.23 -8.04
C ASP A 15 -8.56 12.82 -9.42
N TYR A 16 -7.77 13.69 -10.04
CA TYR A 16 -7.22 13.39 -11.36
C TYR A 16 -6.31 12.16 -11.25
N ILE A 17 -5.50 12.11 -10.21
CA ILE A 17 -4.64 10.94 -10.05
C ILE A 17 -5.52 9.70 -9.92
N GLY A 18 -6.63 9.84 -9.20
CA GLY A 18 -7.55 8.72 -9.01
C GLY A 18 -8.18 8.21 -10.29
N GLU A 19 -8.45 9.10 -11.24
CA GLU A 19 -9.06 8.69 -12.50
C GLU A 19 -8.00 8.27 -13.51
N TYR A 20 -6.80 8.83 -13.38
CA TYR A 20 -5.72 8.55 -14.29
C TYR A 20 -4.49 8.09 -13.53
N SER A 21 -3.51 8.98 -13.35
CA SER A 21 -2.30 8.59 -12.64
C SER A 21 -1.53 9.83 -12.20
N LEU A 22 -0.50 9.62 -11.39
CA LEU A 22 0.33 10.72 -10.95
C LEU A 22 1.26 11.06 -12.11
N GLU A 23 1.63 10.03 -12.86
CA GLU A 23 2.51 10.14 -14.01
C GLU A 23 2.04 11.19 -15.02
N THR A 24 0.75 11.18 -15.35
CA THR A 24 0.21 12.12 -16.33
C THR A 24 -0.39 13.42 -15.77
N LEU A 25 -0.25 13.64 -14.47
CA LEU A 25 -0.74 14.88 -13.87
C LEU A 25 0.24 15.98 -14.31
N SER A 26 -0.27 16.99 -15.02
CA SER A 26 0.59 18.07 -15.52
C SER A 26 -0.24 19.35 -15.58
N TYR A 27 0.38 20.48 -15.89
CA TYR A 27 -0.39 21.70 -16.00
C TYR A 27 -1.46 21.51 -17.07
N ASP A 28 -1.11 20.82 -18.16
CA ASP A 28 -2.06 20.59 -19.24
C ASP A 28 -3.28 19.78 -18.79
N SER A 29 -3.04 18.62 -18.15
CA SER A 29 -4.18 17.80 -17.74
C SER A 29 -4.95 18.41 -16.58
N LEU A 30 -4.27 19.18 -15.72
CA LEU A 30 -4.95 19.80 -14.59
C LEU A 30 -5.77 20.98 -15.09
N ALA A 31 -5.26 21.62 -16.14
CA ALA A 31 -5.96 22.75 -16.74
C ALA A 31 -7.29 22.23 -17.27
N GLU A 32 -7.26 21.08 -17.93
CA GLU A 32 -8.47 20.49 -18.46
C GLU A 32 -9.45 20.07 -17.37
N ALA A 33 -8.93 19.44 -16.31
CA ALA A 33 -9.76 18.96 -15.21
C ALA A 33 -10.39 20.07 -14.37
N THR A 34 -9.70 21.19 -14.22
CA THR A 34 -10.21 22.30 -13.41
C THR A 34 -10.97 23.33 -14.23
N GLY A 35 -10.70 23.38 -15.53
CA GLY A 35 -11.35 24.34 -16.39
C GLY A 35 -10.63 25.69 -16.33
N LEU A 36 -9.52 25.73 -15.62
CA LEU A 36 -8.74 26.95 -15.49
C LEU A 36 -7.62 26.96 -16.53
N SER A 37 -7.04 28.14 -16.76
CA SER A 37 -5.96 28.24 -17.73
C SER A 37 -4.66 27.87 -17.02
N LYS A 38 -3.64 27.54 -17.81
CA LYS A 38 -2.35 27.19 -17.27
C LYS A 38 -1.86 28.38 -16.46
N SER A 39 -2.11 29.59 -16.96
CA SER A 39 -1.71 30.80 -16.27
C SER A 39 -2.37 30.86 -14.89
N GLY A 40 -3.66 30.48 -14.85
CA GLY A 40 -4.36 30.47 -13.58
C GLY A 40 -3.78 29.47 -12.58
N LEU A 41 -3.34 28.32 -13.08
CA LEU A 41 -2.77 27.29 -12.20
C LEU A 41 -1.42 27.74 -11.66
N ILE A 42 -0.60 28.32 -12.54
CA ILE A 42 0.74 28.79 -12.19
C ILE A 42 0.69 29.87 -11.10
N TYR A 43 -0.36 30.67 -11.12
CA TYR A 43 -0.51 31.69 -10.11
C TYR A 43 -0.50 31.07 -8.70
N HIS A 44 -1.20 29.95 -8.57
CA HIS A 44 -1.29 29.25 -7.29
C HIS A 44 -0.11 28.31 -7.04
N PHE A 45 0.37 27.68 -8.10
CA PHE A 45 1.46 26.70 -8.03
C PHE A 45 2.48 27.02 -9.12
N PRO A 46 3.53 27.78 -8.77
CA PRO A 46 4.58 28.19 -9.70
C PRO A 46 5.40 27.10 -10.38
N SER A 47 5.33 25.89 -9.85
CA SER A 47 6.05 24.75 -10.42
C SER A 47 5.27 23.48 -10.10
N ARG A 48 5.54 22.41 -10.85
CA ARG A 48 4.87 21.15 -10.58
C ARG A 48 5.26 20.71 -9.16
N HIS A 49 6.48 21.00 -8.74
CA HIS A 49 6.95 20.65 -7.41
C HIS A 49 6.02 21.27 -6.36
N ALA A 50 5.67 22.53 -6.56
CA ALA A 50 4.80 23.24 -5.63
C ALA A 50 3.41 22.62 -5.62
N LEU A 51 2.93 22.17 -6.78
CA LEU A 51 1.64 21.50 -6.87
C LEU A 51 1.69 20.20 -6.04
N LEU A 52 2.70 19.37 -6.27
CA LEU A 52 2.82 18.12 -5.52
C LEU A 52 2.93 18.41 -4.02
N LEU A 53 3.74 19.40 -3.64
CA LEU A 53 3.89 19.71 -2.23
C LEU A 53 2.54 20.08 -1.64
N GLY A 54 1.76 20.88 -2.37
CA GLY A 54 0.46 21.27 -1.86
C GLY A 54 -0.44 20.08 -1.62
N MET A 55 -0.34 19.05 -2.46
CA MET A 55 -1.19 17.88 -2.27
C MET A 55 -0.76 17.10 -1.02
N HIS A 56 0.55 16.98 -0.79
CA HIS A 56 1.03 16.28 0.40
C HIS A 56 0.60 17.03 1.64
N GLU A 57 0.73 18.36 1.63
CA GLU A 57 0.35 19.13 2.79
C GLU A 57 -1.13 19.05 3.07
N LEU A 58 -1.95 19.08 2.03
CA LEU A 58 -3.40 19.01 2.21
C LEU A 58 -3.79 17.66 2.80
N LEU A 59 -3.25 16.57 2.25
CA LEU A 59 -3.59 15.25 2.77
C LEU A 59 -3.09 15.04 4.19
N ALA A 60 -1.89 15.54 4.51
CA ALA A 60 -1.36 15.41 5.86
C ALA A 60 -2.25 16.22 6.82
N ASP A 61 -2.68 17.40 6.38
CA ASP A 61 -3.53 18.23 7.23
C ASP A 61 -4.88 17.58 7.41
N ASP A 62 -5.43 16.96 6.37
CA ASP A 62 -6.73 16.30 6.51
C ASP A 62 -6.64 15.22 7.62
N TRP A 63 -5.55 14.46 7.63
CA TRP A 63 -5.41 13.41 8.63
C TRP A 63 -5.25 13.99 10.03
N ASP A 64 -4.40 15.00 10.17
CA ASP A 64 -4.20 15.65 11.45
C ASP A 64 -5.54 16.16 12.00
N LYS A 65 -6.36 16.75 11.14
CA LYS A 65 -7.65 17.30 11.61
C LYS A 65 -8.59 16.21 12.04
N GLU A 66 -8.62 15.10 11.30
CA GLU A 66 -9.46 13.96 11.65
C GLU A 66 -9.04 13.44 13.03
N LEU A 67 -7.72 13.30 13.26
CA LEU A 67 -7.22 12.80 14.53
C LEU A 67 -7.53 13.76 15.67
N ARG A 68 -7.33 15.04 15.44
CA ARG A 68 -7.65 16.02 16.48
C ARG A 68 -9.13 16.00 16.83
N ASP A 69 -9.97 15.80 15.83
CA ASP A 69 -11.41 15.79 16.06
C ASP A 69 -11.89 14.60 16.88
N ILE A 70 -11.25 13.44 16.76
CA ILE A 70 -11.78 12.26 17.44
C ILE A 70 -10.98 11.75 18.63
N THR A 71 -9.93 12.47 19.00
CA THR A 71 -9.11 12.03 20.11
C THR A 71 -9.33 12.79 21.41
N ARG A 72 -9.90 12.12 22.40
CA ARG A 72 -10.09 12.72 23.73
C ARG A 72 -8.81 12.40 24.53
N ASP A 73 -8.39 13.35 25.36
CA ASP A 73 -7.17 13.20 26.17
C ASP A 73 -5.99 12.83 25.27
N PRO A 74 -5.68 13.67 24.27
CA PRO A 74 -4.59 13.39 23.34
C PRO A 74 -3.19 13.36 23.91
N GLU A 75 -3.03 13.80 25.15
CA GLU A 75 -1.71 13.75 25.76
C GLU A 75 -1.41 12.30 26.16
N ASP A 76 -2.44 11.45 26.21
CA ASP A 76 -2.27 10.03 26.56
C ASP A 76 -1.91 9.25 25.27
N PRO A 77 -0.71 8.65 25.20
CA PRO A 77 -0.29 7.89 24.01
C PRO A 77 -1.27 6.80 23.60
N LEU A 78 -1.95 6.22 24.58
CA LEU A 78 -2.88 5.15 24.27
C LEU A 78 -4.13 5.69 23.62
N GLU A 79 -4.57 6.89 23.98
CA GLU A 79 -5.75 7.46 23.33
C GLU A 79 -5.37 7.85 21.92
N ARG A 80 -4.15 8.32 21.71
CA ARG A 80 -3.73 8.65 20.37
C ARG A 80 -3.71 7.37 19.53
N LEU A 81 -3.17 6.29 20.06
CA LEU A 81 -3.09 5.03 19.32
C LEU A 81 -4.50 4.51 18.96
N ARG A 82 -5.43 4.56 19.90
CA ARG A 82 -6.79 4.10 19.64
C ARG A 82 -7.41 4.91 18.50
N ALA A 83 -7.22 6.23 18.50
CA ALA A 83 -7.76 7.07 17.45
C ALA A 83 -7.08 6.79 16.11
N VAL A 84 -5.76 6.61 16.13
CA VAL A 84 -5.05 6.31 14.89
C VAL A 84 -5.61 5.03 14.27
N VAL A 85 -5.81 3.99 15.07
CA VAL A 85 -6.35 2.74 14.57
C VAL A 85 -7.73 2.96 13.92
N VAL A 86 -8.60 3.72 14.56
CA VAL A 86 -9.91 4.03 13.99
C VAL A 86 -9.74 4.74 12.63
N THR A 87 -8.83 5.71 12.53
CA THR A 87 -8.68 6.41 11.25
C THR A 87 -8.13 5.54 10.13
N LEU A 88 -7.35 4.52 10.49
CA LEU A 88 -6.73 3.65 9.49
C LEU A 88 -7.61 2.46 9.12
N ALA A 89 -8.78 2.33 9.75
CA ALA A 89 -9.63 1.19 9.44
C ALA A 89 -10.38 1.33 8.12
N GLU A 90 -10.50 2.57 7.65
CA GLU A 90 -11.06 2.84 6.33
C GLU A 90 -9.89 2.73 5.33
N ASN A 91 -10.09 2.03 4.22
CA ASN A 91 -8.98 1.84 3.29
C ASN A 91 -8.45 3.12 2.70
N VAL A 92 -7.15 3.19 2.53
CA VAL A 92 -6.53 4.32 1.86
C VAL A 92 -7.07 4.43 0.42
N SER A 93 -7.08 5.62 -0.13
CA SER A 93 -7.49 5.77 -1.53
C SER A 93 -6.25 5.53 -2.40
N ARG A 94 -6.47 5.21 -3.67
CA ARG A 94 -5.34 4.99 -4.55
C ARG A 94 -4.48 6.25 -4.69
N PRO A 95 -5.08 7.44 -4.88
CA PRO A 95 -4.23 8.63 -5.01
C PRO A 95 -3.40 8.90 -3.76
N GLU A 96 -3.98 8.73 -2.57
CA GLU A 96 -3.20 8.97 -1.38
C GLU A 96 -2.06 7.97 -1.27
N LEU A 97 -2.32 6.71 -1.59
CA LEU A 97 -1.25 5.73 -1.50
C LEU A 97 -0.13 6.02 -2.51
N LEU A 98 -0.49 6.43 -3.71
CA LEU A 98 0.52 6.75 -4.71
C LEU A 98 1.34 7.97 -4.26
N LEU A 99 0.69 8.92 -3.60
CA LEU A 99 1.44 10.06 -3.09
C LEU A 99 2.35 9.66 -1.94
N LEU A 100 1.87 8.80 -1.02
CA LEU A 100 2.74 8.34 0.07
C LEU A 100 3.97 7.63 -0.49
N ILE A 101 3.79 6.82 -1.52
CA ILE A 101 4.90 6.13 -2.13
C ILE A 101 5.90 7.11 -2.77
N ASP A 102 5.38 8.18 -3.34
CA ASP A 102 6.23 9.17 -4.01
C ASP A 102 6.88 10.18 -3.07
N ALA A 103 6.41 10.29 -1.82
CA ALA A 103 6.95 11.33 -0.91
C ALA A 103 8.47 11.35 -0.77
N PRO A 104 9.13 10.18 -0.70
CA PRO A 104 10.60 10.20 -0.54
C PRO A 104 11.35 10.81 -1.71
N SER A 105 10.67 11.13 -2.81
CA SER A 105 11.37 11.72 -3.95
C SER A 105 11.92 13.12 -3.64
N HIS A 106 11.43 13.77 -2.59
CA HIS A 106 11.98 15.09 -2.22
C HIS A 106 11.72 15.37 -0.74
N PRO A 107 12.72 15.93 -0.03
CA PRO A 107 12.55 16.23 1.39
C PRO A 107 11.34 17.12 1.70
N ASP A 108 10.97 17.99 0.78
CA ASP A 108 9.80 18.83 1.07
C ASP A 108 8.55 17.98 1.26
N PHE A 109 8.43 16.92 0.44
CA PHE A 109 7.23 16.07 0.53
C PHE A 109 7.26 15.28 1.83
N LEU A 110 8.43 14.74 2.19
CA LEU A 110 8.56 13.99 3.45
C LEU A 110 8.23 14.88 4.62
N ASN A 111 8.76 16.12 4.57
CA ASN A 111 8.59 17.10 5.63
C ASN A 111 7.11 17.43 5.83
N ALA A 112 6.32 17.42 4.75
CA ALA A 112 4.90 17.73 4.83
C ALA A 112 4.18 16.72 5.72
N TRP A 113 4.66 15.47 5.74
CA TRP A 113 4.10 14.38 6.54
C TRP A 113 4.74 14.25 7.93
N ARG A 114 5.89 14.88 8.13
CA ARG A 114 6.62 14.77 9.39
C ARG A 114 5.86 15.21 10.63
N THR A 115 5.24 16.39 10.60
CA THR A 115 4.56 16.83 11.81
C THR A 115 3.44 15.90 12.24
N VAL A 116 2.57 15.54 11.31
CA VAL A 116 1.48 14.67 11.71
C VAL A 116 1.99 13.33 12.21
N ASN A 117 2.95 12.73 11.53
CA ASN A 117 3.48 11.46 11.99
C ASN A 117 4.13 11.58 13.36
N HIS A 118 4.88 12.64 13.56
CA HIS A 118 5.57 12.79 14.84
C HIS A 118 4.62 12.96 16.01
N GLN A 119 3.48 13.59 15.76
CA GLN A 119 2.53 13.81 16.85
C GLN A 119 1.62 12.63 17.15
N TRP A 120 1.40 11.77 16.16
CA TRP A 120 0.43 10.70 16.32
C TRP A 120 0.87 9.27 16.18
N ILE A 121 1.99 9.04 15.50
CA ILE A 121 2.44 7.68 15.21
C ILE A 121 3.64 7.32 16.06
N PRO A 122 3.62 6.13 16.68
CA PRO A 122 4.74 5.75 17.52
C PRO A 122 6.03 5.65 16.74
N ASP A 123 7.12 6.02 17.38
CA ASP A 123 8.42 5.90 16.76
C ASP A 123 8.84 4.45 17.03
N THR A 124 9.99 4.06 16.48
CA THR A 124 10.47 2.70 16.69
C THR A 124 11.77 2.70 17.45
N ASP A 125 11.99 3.76 18.25
CA ASP A 125 13.21 3.86 19.04
C ASP A 125 13.36 2.66 19.97
N ASP A 126 14.50 1.97 19.86
CA ASP A 126 14.80 0.83 20.71
C ASP A 126 13.78 -0.30 20.66
N LEU A 127 13.13 -0.43 19.53
CA LEU A 127 12.13 -1.46 19.32
C LEU A 127 12.67 -2.86 19.65
N GLU A 128 13.90 -3.15 19.28
CA GLU A 128 14.47 -4.48 19.54
C GLU A 128 14.68 -4.75 21.03
N ASN A 129 14.69 -3.71 21.83
CA ASN A 129 14.92 -3.85 23.27
C ASN A 129 13.81 -3.38 24.16
N ASP A 130 12.63 -3.11 23.60
CA ASP A 130 11.53 -2.60 24.41
C ASP A 130 10.25 -3.37 24.06
N ALA A 131 9.86 -4.31 24.90
CA ALA A 131 8.67 -5.13 24.70
C ALA A 131 7.40 -4.31 24.59
N HIS A 132 7.27 -3.24 25.36
CA HIS A 132 6.07 -2.41 25.28
C HIS A 132 6.02 -1.73 23.90
N LYS A 133 7.15 -1.24 23.42
CA LYS A 133 7.20 -0.58 22.12
C LYS A 133 6.82 -1.60 21.05
N ARG A 134 7.24 -2.85 21.16
CA ARG A 134 6.88 -3.84 20.16
C ARG A 134 5.40 -4.15 20.22
N ALA A 135 4.82 -4.14 21.41
CA ALA A 135 3.38 -4.41 21.55
C ALA A 135 2.60 -3.26 20.88
N VAL A 136 3.02 -2.02 21.07
CA VAL A 136 2.36 -0.89 20.46
C VAL A 136 2.57 -0.94 18.95
N TYR A 137 3.78 -1.27 18.50
CA TYR A 137 4.05 -1.28 17.07
C TYR A 137 3.32 -2.41 16.37
N LEU A 138 3.02 -3.48 17.08
CA LEU A 138 2.27 -4.59 16.52
C LEU A 138 0.88 -4.07 16.15
N VAL A 139 0.28 -3.30 17.05
CA VAL A 139 -1.03 -2.70 16.81
C VAL A 139 -0.92 -1.77 15.60
N GLN A 140 0.12 -0.94 15.53
CA GLN A 140 0.30 -0.04 14.40
C GLN A 140 0.38 -0.82 13.08
N LEU A 141 1.15 -1.90 13.07
CA LEU A 141 1.27 -2.70 11.84
C LEU A 141 -0.04 -3.33 11.41
N ALA A 142 -0.82 -3.85 12.35
CA ALA A 142 -2.12 -4.42 12.01
C ALA A 142 -3.05 -3.34 11.45
N ALA A 143 -3.04 -2.16 12.05
CA ALA A 143 -3.89 -1.05 11.58
C ALA A 143 -3.44 -0.68 10.16
N ASP A 144 -2.12 -0.63 9.91
CA ASP A 144 -1.61 -0.34 8.58
C ASP A 144 -2.09 -1.39 7.58
N GLY A 145 -2.13 -2.64 8.00
CA GLY A 145 -2.59 -3.71 7.11
C GLY A 145 -4.05 -3.47 6.74
N LEU A 146 -4.87 -3.03 7.68
CA LEU A 146 -6.25 -2.72 7.36
C LEU A 146 -6.33 -1.53 6.39
N PHE A 147 -5.48 -0.54 6.60
CA PHE A 147 -5.44 0.65 5.77
C PHE A 147 -5.12 0.37 4.32
N VAL A 148 -4.20 -0.58 4.06
CA VAL A 148 -3.78 -0.83 2.68
C VAL A 148 -4.43 -2.07 2.09
N HIS A 149 -5.26 -2.74 2.86
CA HIS A 149 -5.82 -4.01 2.44
C HIS A 149 -6.29 -4.17 1.01
N ASP A 150 -7.13 -3.27 0.56
CA ASP A 150 -7.71 -3.43 -0.76
C ASP A 150 -6.75 -3.22 -1.91
N TYR A 151 -5.53 -2.75 -1.63
CA TYR A 151 -4.53 -2.54 -2.69
C TYR A 151 -3.38 -3.47 -2.68
N ILE A 152 -3.36 -4.41 -1.73
CA ILE A 152 -2.33 -5.46 -1.76
C ILE A 152 -3.02 -6.83 -1.78
N HIS A 153 -4.34 -6.84 -1.64
CA HIS A 153 -5.10 -8.09 -1.76
C HIS A 153 -6.08 -7.91 -2.89
N ASP A 154 -6.55 -9.02 -3.43
CA ASP A 154 -7.49 -8.95 -4.53
C ASP A 154 -8.90 -8.63 -4.09
N ASP A 155 -9.25 -9.09 -2.90
CA ASP A 155 -10.60 -8.86 -2.39
C ASP A 155 -10.75 -7.58 -1.58
N VAL A 156 -11.87 -6.90 -1.73
CA VAL A 156 -12.14 -5.72 -0.89
C VAL A 156 -12.70 -6.25 0.44
N LEU A 157 -12.17 -5.77 1.56
CA LEU A 157 -12.66 -6.21 2.86
C LEU A 157 -13.86 -5.30 3.16
N SER A 158 -14.99 -5.93 3.40
CA SER A 158 -16.23 -5.23 3.67
C SER A 158 -16.23 -4.38 4.92
N LYS A 159 -17.17 -3.44 4.98
CA LYS A 159 -17.28 -2.57 6.13
C LYS A 159 -17.50 -3.40 7.41
N SER A 160 -18.38 -4.42 7.37
CA SER A 160 -18.62 -5.21 8.59
C SER A 160 -17.39 -6.00 9.02
N LYS A 161 -16.62 -6.49 8.06
CA LYS A 161 -15.40 -7.24 8.38
C LYS A 161 -14.32 -6.26 8.90
N ARG A 162 -14.25 -5.06 8.33
CA ARG A 162 -13.30 -4.06 8.83
C ARG A 162 -13.67 -3.67 10.24
N GLN A 163 -14.98 -3.53 10.50
CA GLN A 163 -15.45 -3.15 11.81
C GLN A 163 -15.03 -4.18 12.85
N ALA A 164 -15.25 -5.44 12.50
CA ALA A 164 -14.87 -6.53 13.40
C ALA A 164 -13.36 -6.54 13.66
N MET A 165 -12.57 -6.36 12.61
CA MET A 165 -11.12 -6.35 12.78
C MET A 165 -10.63 -5.14 13.53
N LEU A 166 -11.29 -3.99 13.32
CA LEU A 166 -10.95 -2.79 14.06
C LEU A 166 -11.11 -3.08 15.55
N GLU A 167 -12.23 -3.71 15.92
CA GLU A 167 -12.44 -4.03 17.35
C GLU A 167 -11.38 -4.99 17.88
N THR A 168 -10.96 -5.94 17.02
CA THR A 168 -9.94 -6.91 17.40
C THR A 168 -8.58 -6.22 17.61
N ILE A 169 -8.23 -5.29 16.72
CA ILE A 169 -6.96 -4.58 16.88
C ILE A 169 -6.96 -3.71 18.12
N LEU A 170 -8.08 -3.05 18.41
CA LEU A 170 -8.14 -2.23 19.61
C LEU A 170 -7.96 -3.07 20.88
N GLU A 171 -8.44 -4.30 20.84
CA GLU A 171 -8.33 -5.23 21.98
C GLU A 171 -6.85 -5.58 22.25
N LEU A 172 -6.03 -5.47 21.21
CA LEU A 172 -4.61 -5.78 21.28
C LEU A 172 -3.76 -4.71 21.97
N ILE A 173 -4.32 -3.50 22.11
CA ILE A 173 -3.58 -2.40 22.76
C ILE A 173 -3.34 -2.70 24.24
N PRO A 174 -2.10 -2.50 24.71
CA PRO A 174 -1.79 -2.76 26.12
C PRO A 174 -2.70 -1.97 27.05
N SER A 175 -3.33 -2.66 27.98
CA SER A 175 -4.25 -2.02 28.94
C SER A 175 -4.38 -2.88 30.19
N THR B 3 14.22 -18.02 -18.08
CA THR B 3 14.42 -19.21 -18.97
C THR B 3 13.66 -19.04 -20.28
N SER B 4 12.33 -19.11 -20.24
CA SER B 4 11.56 -18.96 -21.45
C SER B 4 11.61 -17.49 -21.88
N LYS B 5 11.39 -17.25 -23.17
CA LYS B 5 11.42 -15.90 -23.69
C LYS B 5 10.26 -15.09 -23.10
N LYS B 6 9.12 -15.74 -22.96
CA LYS B 6 7.95 -15.08 -22.38
C LYS B 6 8.28 -14.56 -20.97
N GLU B 7 8.91 -15.41 -20.16
CA GLU B 7 9.29 -14.98 -18.82
C GLU B 7 10.30 -13.84 -18.82
N MET B 8 11.29 -13.90 -19.72
CA MET B 8 12.27 -12.84 -19.80
C MET B 8 11.59 -11.51 -20.16
N ILE B 9 10.66 -11.56 -21.10
CA ILE B 9 9.95 -10.33 -21.48
C ILE B 9 9.22 -9.75 -20.25
N LEU B 10 8.51 -10.61 -19.53
CA LEU B 10 7.77 -10.18 -18.34
C LEU B 10 8.69 -9.63 -17.24
N ARG B 11 9.81 -10.30 -17.00
CA ARG B 11 10.74 -9.83 -15.97
C ARG B 11 11.25 -8.43 -16.35
N THR B 12 11.49 -8.24 -17.64
CA THR B 12 11.98 -6.95 -18.11
C THR B 12 10.92 -5.87 -17.93
N ALA B 13 9.67 -6.21 -18.24
CA ALA B 13 8.56 -5.27 -18.07
C ALA B 13 8.36 -4.90 -16.60
N ILE B 14 8.49 -5.88 -15.73
CA ILE B 14 8.34 -5.62 -14.28
C ILE B 14 9.44 -4.63 -13.80
N ASP B 15 10.67 -4.85 -14.23
CA ASP B 15 11.73 -3.92 -13.84
C ASP B 15 11.45 -2.52 -14.40
N TYR B 16 11.00 -2.47 -15.65
CA TYR B 16 10.70 -1.19 -16.28
C TYR B 16 9.69 -0.32 -15.54
N ILE B 17 8.60 -0.90 -15.06
CA ILE B 17 7.59 -0.07 -14.41
C ILE B 17 8.03 0.49 -13.08
N GLY B 18 9.02 -0.14 -12.47
CA GLY B 18 9.53 0.37 -11.22
C GLY B 18 10.41 1.58 -11.50
N GLU B 19 11.21 1.50 -12.57
CA GLU B 19 12.13 2.57 -12.93
C GLU B 19 11.44 3.74 -13.59
N TYR B 20 10.44 3.43 -14.42
CA TYR B 20 9.71 4.46 -15.15
C TYR B 20 8.28 4.51 -14.62
N SER B 21 7.35 3.81 -15.27
CA SER B 21 5.98 3.79 -14.78
C SER B 21 5.14 2.83 -15.60
N LEU B 22 3.99 2.44 -15.07
CA LEU B 22 3.09 1.57 -15.80
C LEU B 22 2.55 2.36 -16.98
N GLU B 23 2.31 3.65 -16.75
CA GLU B 23 1.75 4.49 -17.79
C GLU B 23 2.59 4.58 -19.08
N THR B 24 3.91 4.54 -18.98
CA THR B 24 4.76 4.59 -20.17
C THR B 24 5.22 3.21 -20.68
N LEU B 25 4.75 2.14 -20.05
CA LEU B 25 5.09 0.81 -20.53
C LEU B 25 4.24 0.62 -21.78
N SER B 26 4.89 0.38 -22.91
CA SER B 26 4.20 0.21 -24.18
C SER B 26 5.02 -0.79 -24.97
N TYR B 27 4.51 -1.22 -26.11
CA TYR B 27 5.29 -2.13 -26.94
C TYR B 27 6.60 -1.43 -27.34
N ASP B 28 6.53 -0.12 -27.56
CA ASP B 28 7.73 0.62 -27.95
C ASP B 28 8.79 0.63 -26.85
N SER B 29 8.39 0.99 -25.62
CA SER B 29 9.37 1.05 -24.56
C SER B 29 9.85 -0.35 -24.14
N LEU B 30 8.98 -1.35 -24.24
CA LEU B 30 9.39 -2.70 -23.89
C LEU B 30 10.30 -3.29 -24.97
N ALA B 31 10.10 -2.90 -26.23
CA ALA B 31 10.99 -3.35 -27.32
C ALA B 31 12.39 -2.80 -27.03
N GLU B 32 12.49 -1.52 -26.67
CA GLU B 32 13.80 -0.95 -26.35
C GLU B 32 14.43 -1.69 -25.17
N ALA B 33 13.65 -1.94 -24.12
CA ALA B 33 14.16 -2.57 -22.92
C ALA B 33 14.60 -4.01 -23.11
N THR B 34 13.90 -4.75 -23.97
CA THR B 34 14.21 -6.16 -24.22
C THR B 34 15.14 -6.40 -25.40
N GLY B 35 15.19 -5.45 -26.32
CA GLY B 35 16.00 -5.62 -27.52
C GLY B 35 15.23 -6.38 -28.60
N LEU B 36 13.99 -6.78 -28.30
CA LEU B 36 13.17 -7.52 -29.25
C LEU B 36 12.38 -6.56 -30.11
N SER B 37 11.91 -7.04 -31.26
CA SER B 37 11.10 -6.19 -32.10
C SER B 37 9.67 -6.18 -31.55
N LYS B 38 8.91 -5.17 -31.92
CA LYS B 38 7.52 -5.08 -31.49
C LYS B 38 6.76 -6.32 -31.93
N SER B 39 7.01 -6.80 -33.15
CA SER B 39 6.35 -8.00 -33.64
C SER B 39 6.65 -9.19 -32.74
N GLY B 40 7.91 -9.28 -32.30
CA GLY B 40 8.31 -10.36 -31.43
C GLY B 40 7.55 -10.30 -30.11
N LEU B 41 7.36 -9.09 -29.61
CA LEU B 41 6.65 -8.93 -28.35
C LEU B 41 5.18 -9.30 -28.51
N ILE B 42 4.58 -8.85 -29.61
CA ILE B 42 3.18 -9.14 -29.87
C ILE B 42 2.93 -10.64 -29.99
N TYR B 43 3.89 -11.38 -30.53
CA TYR B 43 3.72 -12.82 -30.66
C TYR B 43 3.47 -13.45 -29.28
N HIS B 44 4.16 -12.95 -28.27
CA HIS B 44 4.01 -13.48 -26.92
C HIS B 44 2.87 -12.83 -26.13
N PHE B 45 2.62 -11.55 -26.40
CA PHE B 45 1.57 -10.79 -25.68
C PHE B 45 0.79 -10.06 -26.73
N PRO B 46 -0.32 -10.67 -27.20
CA PRO B 46 -1.11 -10.05 -28.26
C PRO B 46 -1.76 -8.70 -28.05
N SER B 47 -1.90 -8.29 -26.79
CA SER B 47 -2.48 -6.99 -26.48
C SER B 47 -1.78 -6.44 -25.23
N ARG B 48 -1.85 -5.14 -25.00
CA ARG B 48 -1.23 -4.57 -23.83
C ARG B 48 -1.90 -5.13 -22.57
N HIS B 49 -3.21 -5.38 -22.64
CA HIS B 49 -3.91 -5.97 -21.50
C HIS B 49 -3.30 -7.34 -21.16
N ALA B 50 -3.05 -8.14 -22.18
CA ALA B 50 -2.46 -9.45 -21.98
C ALA B 50 -1.04 -9.33 -21.37
N LEU B 51 -0.30 -8.30 -21.77
CA LEU B 51 1.05 -8.09 -21.23
C LEU B 51 0.95 -7.83 -19.73
N LEU B 52 0.08 -6.90 -19.34
CA LEU B 52 -0.10 -6.60 -17.92
C LEU B 52 -0.58 -7.81 -17.16
N LEU B 53 -1.54 -8.53 -17.74
CA LEU B 53 -2.03 -9.73 -17.08
C LEU B 53 -0.91 -10.72 -16.81
N GLY B 54 -0.05 -10.89 -17.81
CA GLY B 54 1.08 -11.80 -17.66
C GLY B 54 1.99 -11.38 -16.52
N MET B 55 2.15 -10.07 -16.32
CA MET B 55 3.00 -9.58 -15.22
C MET B 55 2.39 -9.93 -13.86
N HIS B 56 1.09 -9.72 -13.70
CA HIS B 56 0.39 -10.07 -12.46
C HIS B 56 0.50 -11.59 -12.22
N GLU B 57 0.27 -12.37 -13.28
CA GLU B 57 0.33 -13.82 -13.14
C GLU B 57 1.71 -14.31 -12.70
N LEU B 58 2.74 -13.72 -13.30
CA LEU B 58 4.10 -14.14 -12.95
C LEU B 58 4.42 -13.83 -11.50
N LEU B 59 4.09 -12.62 -11.05
CA LEU B 59 4.38 -12.26 -9.67
C LEU B 59 3.57 -13.14 -8.70
N ALA B 60 2.32 -13.44 -9.03
CA ALA B 60 1.52 -14.30 -8.17
C ALA B 60 2.16 -15.69 -8.10
N ASP B 61 2.61 -16.18 -9.24
CA ASP B 61 3.26 -17.49 -9.28
C ASP B 61 4.55 -17.51 -8.47
N ASP B 62 5.35 -16.43 -8.55
CA ASP B 62 6.58 -16.36 -7.77
C ASP B 62 6.26 -16.49 -6.27
N TRP B 63 5.19 -15.82 -5.82
CA TRP B 63 4.83 -15.89 -4.42
C TRP B 63 4.38 -17.31 -4.07
N ASP B 64 3.54 -17.89 -4.90
CA ASP B 64 3.09 -19.26 -4.65
C ASP B 64 4.29 -20.22 -4.51
N LYS B 65 5.27 -20.09 -5.39
CA LYS B 65 6.46 -20.96 -5.35
C LYS B 65 7.23 -20.79 -4.06
N GLU B 66 7.45 -19.55 -3.62
CA GLU B 66 8.17 -19.30 -2.36
C GLU B 66 7.37 -19.91 -1.20
N LEU B 67 6.06 -19.72 -1.17
CA LEU B 67 5.26 -20.27 -0.09
C LEU B 67 5.35 -21.80 -0.06
N ARG B 68 5.24 -22.44 -1.21
CA ARG B 68 5.31 -23.91 -1.29
C ARG B 68 6.71 -24.36 -0.86
N ASP B 69 7.72 -23.57 -1.17
CA ASP B 69 9.09 -23.94 -0.80
C ASP B 69 9.41 -23.89 0.69
N ILE B 70 8.80 -22.97 1.43
CA ILE B 70 9.12 -22.85 2.84
C ILE B 70 8.11 -23.40 3.82
N THR B 71 6.92 -23.76 3.35
CA THR B 71 5.90 -24.29 4.26
C THR B 71 6.28 -25.67 4.76
N ARG B 72 6.35 -25.82 6.08
CA ARG B 72 6.72 -27.09 6.71
C ARG B 72 5.68 -28.20 6.56
N ASP B 73 4.41 -27.86 6.67
CA ASP B 73 3.32 -28.84 6.53
C ASP B 73 2.20 -28.13 5.78
N PRO B 74 2.08 -28.39 4.47
CA PRO B 74 1.03 -27.74 3.67
C PRO B 74 -0.40 -28.09 4.02
N GLU B 75 -0.61 -29.09 4.87
CA GLU B 75 -1.96 -29.46 5.26
C GLU B 75 -2.37 -28.79 6.57
N ASP B 76 -1.44 -28.09 7.20
CA ASP B 76 -1.70 -27.39 8.47
C ASP B 76 -1.87 -25.89 8.23
N PRO B 77 -3.10 -25.37 8.38
CA PRO B 77 -3.32 -23.94 8.17
C PRO B 77 -2.42 -23.00 8.98
N LEU B 78 -2.00 -23.41 10.17
CA LEU B 78 -1.14 -22.52 10.95
C LEU B 78 0.28 -22.51 10.40
N GLU B 79 0.71 -23.61 9.79
CA GLU B 79 2.03 -23.64 9.17
C GLU B 79 1.97 -22.84 7.86
N ARG B 80 0.82 -22.89 7.19
CA ARG B 80 0.68 -22.12 5.96
C ARG B 80 0.68 -20.63 6.36
N LEU B 81 0.05 -20.30 7.49
CA LEU B 81 0.03 -18.91 7.97
C LEU B 81 1.45 -18.45 8.31
N ARG B 82 2.23 -19.30 8.99
CA ARG B 82 3.61 -18.95 9.30
C ARG B 82 4.38 -18.62 8.02
N ALA B 83 4.19 -19.42 6.97
CA ALA B 83 4.89 -19.20 5.70
C ALA B 83 4.49 -17.83 5.11
N VAL B 84 3.19 -17.54 5.14
CA VAL B 84 2.74 -16.25 4.62
C VAL B 84 3.41 -15.11 5.38
N VAL B 85 3.43 -15.19 6.71
CA VAL B 85 4.07 -14.15 7.49
C VAL B 85 5.55 -13.98 7.16
N VAL B 86 6.26 -15.09 7.07
CA VAL B 86 7.69 -15.01 6.73
C VAL B 86 7.90 -14.37 5.35
N THR B 87 7.10 -14.76 4.35
CA THR B 87 7.30 -14.17 3.02
C THR B 87 7.00 -12.67 2.99
N LEU B 88 6.07 -12.24 3.83
CA LEU B 88 5.68 -10.82 3.88
C LEU B 88 6.58 -9.96 4.73
N ALA B 89 7.55 -10.59 5.40
CA ALA B 89 8.42 -9.82 6.30
C ALA B 89 9.40 -8.92 5.59
N GLU B 90 9.72 -9.23 4.35
CA GLU B 90 10.64 -8.38 3.60
C GLU B 90 9.84 -7.26 2.94
N ASN B 91 10.41 -6.07 2.86
CA ASN B 91 9.76 -4.92 2.23
C ASN B 91 9.32 -5.25 0.80
N VAL B 92 8.07 -4.97 0.48
CA VAL B 92 7.58 -5.22 -0.86
C VAL B 92 8.43 -4.44 -1.88
N SER B 93 8.70 -5.05 -3.02
CA SER B 93 9.46 -4.35 -4.04
C SER B 93 8.60 -3.26 -4.71
N ARG B 94 9.23 -2.24 -5.27
CA ARG B 94 8.48 -1.16 -5.90
C ARG B 94 7.59 -1.64 -7.06
N PRO B 95 8.13 -2.44 -7.98
CA PRO B 95 7.25 -2.86 -9.08
C PRO B 95 6.08 -3.70 -8.60
N GLU B 96 6.29 -4.55 -7.60
CA GLU B 96 5.21 -5.38 -7.10
C GLU B 96 4.13 -4.52 -6.47
N LEU B 97 4.52 -3.54 -5.67
CA LEU B 97 3.55 -2.66 -5.05
C LEU B 97 2.76 -1.86 -6.09
N LEU B 98 3.44 -1.35 -7.12
CA LEU B 98 2.73 -0.59 -8.15
C LEU B 98 1.74 -1.49 -8.92
N LEU B 99 2.13 -2.75 -9.17
CA LEU B 99 1.21 -3.68 -9.88
C LEU B 99 0.03 -4.01 -8.96
N LEU B 100 0.27 -4.28 -7.69
CA LEU B 100 -0.83 -4.58 -6.77
C LEU B 100 -1.81 -3.39 -6.70
N ILE B 101 -1.31 -2.17 -6.69
CA ILE B 101 -2.19 -1.01 -6.66
C ILE B 101 -2.99 -0.87 -7.97
N ASP B 102 -2.40 -1.30 -9.08
CA ASP B 102 -3.09 -1.24 -10.37
C ASP B 102 -4.05 -2.40 -10.61
N ALA B 103 -3.87 -3.52 -9.92
CA ALA B 103 -4.74 -4.68 -10.16
C ALA B 103 -6.24 -4.41 -10.07
N PRO B 104 -6.71 -3.61 -9.10
CA PRO B 104 -8.16 -3.36 -9.03
C PRO B 104 -8.75 -2.65 -10.22
N SER B 105 -7.93 -2.21 -11.16
CA SER B 105 -8.46 -1.54 -12.34
C SER B 105 -9.20 -2.50 -13.27
N HIS B 106 -8.99 -3.81 -13.10
CA HIS B 106 -9.68 -4.74 -13.99
C HIS B 106 -9.88 -6.08 -13.30
N PRO B 107 -11.07 -6.71 -13.46
CA PRO B 107 -11.27 -8.00 -12.79
C PRO B 107 -10.32 -9.10 -13.27
N ASP B 108 -9.83 -9.00 -14.51
CA ASP B 108 -8.91 -10.00 -15.01
C ASP B 108 -7.60 -9.95 -14.19
N PHE B 109 -7.15 -8.75 -13.82
CA PHE B 109 -5.92 -8.63 -13.02
C PHE B 109 -6.15 -9.14 -11.60
N LEU B 110 -7.30 -8.79 -11.01
CA LEU B 110 -7.62 -9.27 -9.67
C LEU B 110 -7.69 -10.79 -9.69
N ASN B 111 -8.27 -11.35 -10.74
CA ASN B 111 -8.39 -12.81 -10.84
C ASN B 111 -7.00 -13.48 -10.95
N ALA B 112 -6.02 -12.81 -11.57
CA ALA B 112 -4.67 -13.38 -11.64
C ALA B 112 -4.09 -13.55 -10.22
N TRP B 113 -4.42 -12.66 -9.31
CA TRP B 113 -3.95 -12.74 -7.93
C TRP B 113 -4.84 -13.61 -7.05
N ARG B 114 -6.08 -13.82 -7.50
CA ARG B 114 -7.04 -14.57 -6.67
C ARG B 114 -6.64 -15.97 -6.30
N THR B 115 -6.05 -16.74 -7.21
CA THR B 115 -5.74 -18.11 -6.78
C THR B 115 -4.73 -18.18 -5.63
N VAL B 116 -3.61 -17.47 -5.77
CA VAL B 116 -2.64 -17.53 -4.69
C VAL B 116 -3.26 -16.94 -3.42
N ASN B 117 -4.03 -15.87 -3.53
CA ASN B 117 -4.65 -15.33 -2.31
C ASN B 117 -5.61 -16.35 -1.69
N HIS B 118 -6.47 -16.92 -2.52
CA HIS B 118 -7.46 -17.87 -2.04
C HIS B 118 -6.83 -19.11 -1.39
N GLN B 119 -5.68 -19.54 -1.89
CA GLN B 119 -5.02 -20.72 -1.36
C GLN B 119 -4.18 -20.49 -0.10
N TRP B 120 -3.76 -19.26 0.12
CA TRP B 120 -2.88 -18.98 1.25
C TRP B 120 -3.33 -17.99 2.31
N ILE B 121 -4.14 -17.01 1.93
CA ILE B 121 -4.60 -16.02 2.91
C ILE B 121 -5.77 -16.56 3.72
N PRO B 122 -5.76 -16.37 5.03
CA PRO B 122 -6.88 -16.87 5.83
C PRO B 122 -8.23 -16.32 5.36
N ASP B 123 -9.23 -17.18 5.36
CA ASP B 123 -10.59 -16.83 4.92
C ASP B 123 -11.26 -15.74 5.77
N THR B 124 -12.04 -14.89 5.10
CA THR B 124 -12.73 -13.76 5.76
C THR B 124 -14.19 -14.04 6.04
N ASP B 125 -14.72 -15.15 5.57
CA ASP B 125 -16.13 -15.47 5.82
C ASP B 125 -16.37 -15.63 7.32
N ASP B 126 -17.43 -15.00 7.82
CA ASP B 126 -17.82 -15.08 9.23
C ASP B 126 -16.85 -14.46 10.24
N LEU B 127 -15.97 -13.58 9.76
CA LEU B 127 -15.03 -12.87 10.62
C LEU B 127 -15.83 -12.12 11.72
N GLU B 128 -16.99 -11.59 11.34
CA GLU B 128 -17.80 -10.82 12.31
C GLU B 128 -18.21 -11.62 13.54
N ASN B 129 -18.37 -12.94 13.39
CA ASN B 129 -18.84 -13.77 14.49
C ASN B 129 -17.91 -14.87 14.99
N ASP B 130 -16.71 -14.94 14.44
CA ASP B 130 -15.79 -16.01 14.81
C ASP B 130 -14.49 -15.41 15.35
N ALA B 131 -14.32 -15.39 16.67
CA ALA B 131 -13.11 -14.82 17.26
C ALA B 131 -11.83 -15.54 16.86
N HIS B 132 -11.92 -16.83 16.57
CA HIS B 132 -10.72 -17.55 16.16
C HIS B 132 -10.28 -17.05 14.80
N LYS B 133 -11.23 -16.89 13.89
CA LYS B 133 -10.89 -16.42 12.57
C LYS B 133 -10.34 -15.00 12.64
N ARG B 134 -10.82 -14.21 13.60
CA ARG B 134 -10.30 -12.86 13.75
C ARG B 134 -8.87 -12.87 14.29
N ALA B 135 -8.57 -13.79 15.21
CA ALA B 135 -7.22 -13.87 15.77
C ALA B 135 -6.22 -14.25 14.67
N VAL B 136 -6.63 -15.14 13.78
CA VAL B 136 -5.77 -15.55 12.68
C VAL B 136 -5.64 -14.42 11.66
N TYR B 137 -6.74 -13.74 11.36
CA TYR B 137 -6.68 -12.64 10.40
C TYR B 137 -5.88 -11.46 10.94
N LEU B 138 -5.84 -11.30 12.26
CA LEU B 138 -5.06 -10.23 12.88
C LEU B 138 -3.59 -10.43 12.52
N VAL B 139 -3.13 -11.69 12.54
CA VAL B 139 -1.75 -11.99 12.17
C VAL B 139 -1.50 -11.56 10.72
N GLN B 140 -2.44 -11.88 9.84
CA GLN B 140 -2.33 -11.51 8.43
C GLN B 140 -2.22 -9.99 8.27
N LEU B 141 -3.06 -9.25 8.99
CA LEU B 141 -3.02 -7.80 8.88
C LEU B 141 -1.68 -7.24 9.34
N ALA B 142 -1.14 -7.75 10.44
CA ALA B 142 0.15 -7.24 10.93
C ALA B 142 1.26 -7.56 9.91
N ALA B 143 1.22 -8.76 9.33
CA ALA B 143 2.20 -9.14 8.32
C ALA B 143 2.12 -8.22 7.10
N ASP B 144 0.89 -7.88 6.70
CA ASP B 144 0.70 -6.94 5.58
C ASP B 144 1.28 -5.57 5.95
N GLY B 145 1.11 -5.14 7.19
CA GLY B 145 1.69 -3.88 7.63
C GLY B 145 3.21 -3.92 7.56
N LEU B 146 3.80 -5.05 7.95
CA LEU B 146 5.25 -5.13 7.88
C LEU B 146 5.73 -5.08 6.42
N PHE B 147 4.98 -5.75 5.53
CA PHE B 147 5.27 -5.80 4.12
C PHE B 147 5.33 -4.40 3.48
N VAL B 148 4.39 -3.53 3.85
CA VAL B 148 4.34 -2.20 3.22
C VAL B 148 4.92 -1.08 4.06
N HIS B 149 5.38 -1.42 5.26
CA HIS B 149 5.87 -0.43 6.19
C HIS B 149 6.69 0.74 5.66
N ASP B 150 7.76 0.42 4.94
CA ASP B 150 8.68 1.46 4.48
C ASP B 150 8.07 2.44 3.51
N TYR B 151 6.92 2.09 2.93
CA TYR B 151 6.26 3.01 2.00
C TYR B 151 5.27 3.92 2.67
N ILE B 152 4.68 3.51 3.78
CA ILE B 152 3.71 4.38 4.42
C ILE B 152 4.20 5.04 5.72
N HIS B 153 5.41 4.70 6.15
CA HIS B 153 6.01 5.32 7.33
C HIS B 153 7.25 6.05 6.87
N ASP B 154 7.62 7.12 7.55
CA ASP B 154 8.81 7.90 7.16
C ASP B 154 10.09 7.51 7.88
N ASP B 155 10.24 6.24 8.24
CA ASP B 155 11.45 5.79 8.91
C ASP B 155 11.64 4.31 8.60
N VAL B 156 12.42 4.00 7.57
CA VAL B 156 12.67 2.63 7.16
C VAL B 156 13.12 1.80 8.35
N LEU B 157 12.65 0.55 8.42
CA LEU B 157 13.04 -0.32 9.51
C LEU B 157 14.41 -0.92 9.29
N SER B 158 15.25 -0.87 10.31
CA SER B 158 16.56 -1.48 10.20
C SER B 158 16.29 -2.98 10.16
N LYS B 159 17.26 -3.75 9.70
CA LYS B 159 17.10 -5.20 9.62
C LYS B 159 16.74 -5.80 10.99
N SER B 160 17.37 -5.31 12.04
CA SER B 160 17.11 -5.82 13.38
C SER B 160 15.69 -5.50 13.87
N LYS B 161 15.20 -4.31 13.54
CA LYS B 161 13.85 -3.95 13.97
C LYS B 161 12.82 -4.75 13.18
N ARG B 162 13.10 -4.99 11.90
CA ARG B 162 12.22 -5.77 11.05
C ARG B 162 12.13 -7.21 11.56
N GLN B 163 13.27 -7.79 11.92
CA GLN B 163 13.31 -9.14 12.45
C GLN B 163 12.55 -9.20 13.78
N ALA B 164 12.76 -8.18 14.62
CA ALA B 164 12.06 -8.15 15.90
C ALA B 164 10.53 -8.15 15.70
N MET B 165 10.06 -7.37 14.73
CA MET B 165 8.63 -7.34 14.46
C MET B 165 8.13 -8.64 13.82
N LEU B 166 8.93 -9.27 12.96
CA LEU B 166 8.57 -10.57 12.39
C LEU B 166 8.35 -11.55 13.55
N GLU B 167 9.28 -11.57 14.49
CA GLU B 167 9.17 -12.48 15.63
C GLU B 167 7.93 -12.18 16.47
N THR B 168 7.64 -10.89 16.65
CA THR B 168 6.47 -10.46 17.42
C THR B 168 5.18 -10.95 16.75
N ILE B 169 5.13 -10.88 15.43
CA ILE B 169 3.95 -11.33 14.70
C ILE B 169 3.85 -12.85 14.76
N LEU B 170 4.97 -13.56 14.60
CA LEU B 170 4.91 -15.03 14.66
C LEU B 170 4.42 -15.51 16.04
N GLU B 171 4.75 -14.76 17.08
CA GLU B 171 4.32 -15.15 18.43
C GLU B 171 2.81 -14.95 18.60
N LEU B 172 2.22 -14.12 17.72
CA LEU B 172 0.80 -13.79 17.74
C LEU B 172 -0.07 -14.91 17.14
N ILE B 173 0.57 -15.82 16.41
CA ILE B 173 -0.14 -16.94 15.79
C ILE B 173 -0.69 -17.80 16.92
N PRO B 174 -1.97 -18.23 16.80
CA PRO B 174 -2.60 -19.09 17.82
C PRO B 174 -2.02 -20.49 17.79
#